data_9EDM
#
_entry.id   9EDM
#
_cell.length_a   94.190
_cell.length_b   96.890
_cell.length_c   65.790
_cell.angle_alpha   90.00
_cell.angle_beta   90.00
_cell.angle_gamma   90.00
#
_symmetry.space_group_name_H-M   'P 21 21 2'
#
loop_
_entity.id
_entity.type
_entity.pdbx_description
1 polymer Capsid
2 non-polymer 'CHLORIDE ION'
3 water water
#
_entity_poly.entity_id   1
_entity_poly.type   'polypeptide(L)'
_entity_poly.pdbx_seq_one_letter_code
;KAFTIPVLKISEMTNSRFPVPVDQMYTSRSEGIVVQPQNGRATIDGELLGTTLVSPVSVCNFKGNLQAEVPGQHQLYQLQ
LTNLDGSPIDPTDDTPGPLGCPDFTGLLYGVASQRGPGDATRAHEARIDTGSDTFAPKIGQVRFYSTSSDFETNQPTHFT
PIGIYIEGNSSDFNQWQLPRYGGHLANNNHLAPAVSPLFPGEQILFFRSFIPGASGHTNGEMDCLLPQEFVQHFYQEAAT
ARSEVALLRFVNPDTGRALFESKLHKQGFMTIASSGDHPIIMPTNGYFRFEAWVNQFYSLAPV
;
_entity_poly.pdbx_strand_id   A,B
#
# COMPACT_ATOMS: atom_id res chain seq x y z
N ALA A 2 11.26 -23.20 -12.11
N ALA A 2 11.28 -23.20 -12.10
CA ALA A 2 11.21 -22.05 -13.00
CA ALA A 2 11.21 -22.04 -12.99
C ALA A 2 10.07 -21.10 -12.62
C ALA A 2 10.07 -21.10 -12.61
N PHE A 3 8.84 -21.60 -12.62
CA PHE A 3 7.67 -20.77 -12.35
C PHE A 3 7.15 -21.01 -10.93
N THR A 4 7.02 -19.92 -10.18
CA THR A 4 6.51 -19.98 -8.82
C THR A 4 5.46 -18.91 -8.59
N ILE A 5 4.64 -19.18 -7.58
CA ILE A 5 3.63 -18.26 -7.06
C ILE A 5 4.07 -17.86 -5.66
N PRO A 6 4.05 -16.59 -5.30
CA PRO A 6 4.34 -16.23 -3.91
C PRO A 6 3.35 -16.88 -2.94
N VAL A 7 3.86 -17.30 -1.78
CA VAL A 7 3.09 -18.03 -0.80
C VAL A 7 2.40 -17.01 0.10
N LEU A 8 1.09 -16.82 -0.08
CA LEU A 8 0.36 -15.75 0.59
C LEU A 8 -1.05 -16.18 0.95
N LYS A 9 -1.45 -15.91 2.19
CA LYS A 9 -2.86 -16.05 2.54
C LYS A 9 -3.69 -14.98 1.84
N ILE A 10 -5.00 -15.20 1.76
CA ILE A 10 -5.87 -14.21 1.15
C ILE A 10 -5.75 -12.86 1.87
N SER A 11 -5.71 -12.89 3.20
CA SER A 11 -5.62 -11.66 3.99
C SER A 11 -4.27 -10.96 3.89
N GLU A 12 -3.25 -11.59 3.31
CA GLU A 12 -1.97 -10.95 3.08
C GLU A 12 -1.85 -10.37 1.67
N MET A 13 -2.87 -10.51 0.84
CA MET A 13 -2.80 -10.03 -0.52
C MET A 13 -3.32 -8.61 -0.57
N THR A 14 -2.81 -7.86 -1.54
CA THR A 14 -3.21 -6.48 -1.78
C THR A 14 -4.04 -6.41 -3.04
N ASN A 15 -5.15 -5.69 -2.98
CA ASN A 15 -5.91 -5.43 -4.18
C ASN A 15 -5.06 -4.60 -5.15
N SER A 16 -5.06 -5.02 -6.41
CA SER A 16 -4.28 -4.30 -7.41
C SER A 16 -5.02 -3.12 -8.01
N ARG A 17 -6.31 -2.98 -7.73
CA ARG A 17 -7.07 -1.85 -8.25
C ARG A 17 -7.37 -0.77 -7.20
N PHE A 18 -6.99 -1.00 -5.94
CA PHE A 18 -7.24 -0.02 -4.89
C PHE A 18 -6.34 -0.40 -3.74
N PRO A 19 -5.67 0.56 -3.08
CA PRO A 19 -4.59 0.18 -2.16
C PRO A 19 -5.11 -0.28 -0.79
N VAL A 20 -5.82 -1.40 -0.79
CA VAL A 20 -6.32 -2.02 0.43
C VAL A 20 -6.10 -3.53 0.32
N PRO A 21 -6.12 -4.23 1.45
CA PRO A 21 -5.96 -5.68 1.40
C PRO A 21 -7.15 -6.35 0.73
N VAL A 22 -6.90 -7.55 0.20
CA VAL A 22 -7.96 -8.37 -0.36
C VAL A 22 -8.81 -8.90 0.78
N ASP A 23 -10.13 -8.90 0.59
CA ASP A 23 -11.02 -9.44 1.62
C ASP A 23 -11.43 -10.88 1.35
N GLN A 24 -11.66 -11.26 0.09
CA GLN A 24 -12.13 -12.61 -0.20
C GLN A 24 -11.90 -12.91 -1.67
N MET A 25 -11.81 -14.20 -1.99
CA MET A 25 -11.99 -14.63 -3.36
C MET A 25 -13.47 -14.60 -3.71
N TYR A 26 -13.77 -14.29 -4.96
CA TYR A 26 -15.15 -14.14 -5.41
C TYR A 26 -15.24 -14.59 -6.85
N THR A 27 -16.35 -15.21 -7.23
CA THR A 27 -16.57 -15.58 -8.62
C THR A 27 -17.96 -15.13 -9.06
N SER A 28 -18.08 -14.85 -10.35
CA SER A 28 -19.35 -14.36 -10.88
C SER A 28 -19.49 -14.76 -12.35
N ARG A 29 -20.74 -14.83 -12.81
CA ARG A 29 -21.00 -15.03 -14.23
C ARG A 29 -20.63 -13.81 -15.04
N SER A 30 -20.76 -12.62 -14.46
CA SER A 30 -20.52 -11.35 -15.15
C SER A 30 -21.32 -11.25 -16.44
N GLU A 31 -22.60 -11.64 -16.39
CA GLU A 31 -23.44 -11.56 -17.57
C GLU A 31 -23.68 -10.10 -17.95
N GLY A 32 -23.61 -9.82 -19.25
CA GLY A 32 -23.83 -8.45 -19.72
C GLY A 32 -22.82 -7.46 -19.22
N ILE A 33 -21.64 -7.91 -18.79
CA ILE A 33 -20.60 -7.05 -18.26
C ILE A 33 -19.33 -7.28 -19.07
N VAL A 34 -18.64 -6.20 -19.41
CA VAL A 34 -17.32 -6.29 -20.04
C VAL A 34 -16.29 -6.09 -18.94
N VAL A 35 -15.56 -7.16 -18.61
CA VAL A 35 -14.54 -7.13 -17.56
C VAL A 35 -13.24 -6.67 -18.22
N GLN A 36 -12.89 -5.39 -18.06
CA GLN A 36 -11.70 -4.84 -18.71
C GLN A 36 -10.97 -3.86 -17.80
N PRO A 37 -10.60 -4.28 -16.59
CA PRO A 37 -9.84 -3.37 -15.71
C PRO A 37 -8.47 -3.11 -16.30
N GLN A 38 -7.94 -1.93 -15.98
CA GLN A 38 -6.66 -1.47 -16.52
C GLN A 38 -5.53 -1.50 -15.51
N ASN A 39 -5.86 -1.58 -14.22
CA ASN A 39 -4.90 -1.81 -13.16
C ASN A 39 -4.90 -3.30 -12.78
N GLY A 40 -3.78 -3.75 -12.22
CA GLY A 40 -3.66 -5.17 -11.92
C GLY A 40 -3.62 -6.04 -13.15
N ARG A 41 -3.03 -5.55 -14.23
CA ARG A 41 -2.95 -6.27 -15.49
C ARG A 41 -1.50 -6.61 -15.78
N ALA A 42 -1.17 -7.90 -15.79
CA ALA A 42 0.18 -8.31 -16.11
C ALA A 42 0.15 -9.70 -16.69
N THR A 43 0.99 -9.96 -17.67
CA THR A 43 1.16 -11.34 -18.12
C THR A 43 1.99 -12.11 -17.10
N ILE A 44 1.87 -13.44 -17.13
CA ILE A 44 2.63 -14.20 -16.14
C ILE A 44 4.12 -14.21 -16.44
N ASP A 45 4.55 -13.78 -17.63
CA ASP A 45 5.97 -13.57 -17.86
C ASP A 45 6.40 -12.14 -17.56
N GLY A 46 5.54 -11.34 -16.93
CA GLY A 46 5.94 -10.10 -16.31
C GLY A 46 5.77 -8.83 -17.12
N GLU A 47 5.10 -8.88 -18.27
CA GLU A 47 4.80 -7.66 -19.00
C GLU A 47 3.60 -6.98 -18.37
N LEU A 48 3.78 -5.74 -17.92
CA LEU A 48 2.69 -4.95 -17.35
C LEU A 48 1.81 -4.38 -18.47
N LEU A 49 0.50 -4.41 -18.26
CA LEU A 49 -0.45 -3.94 -19.27
C LEU A 49 -1.29 -2.79 -18.71
N GLY A 50 -2.04 -2.15 -19.61
CA GLY A 50 -2.93 -1.07 -19.22
C GLY A 50 -2.21 0.06 -18.51
N THR A 51 -2.68 0.38 -17.31
CA THR A 51 -2.08 1.39 -16.45
C THR A 51 -1.37 0.78 -15.25
N THR A 52 -0.94 -0.48 -15.35
CA THR A 52 -0.47 -1.19 -14.17
C THR A 52 0.95 -0.77 -13.79
N LEU A 53 1.14 -0.44 -12.53
CA LEU A 53 2.46 -0.16 -11.98
C LEU A 53 2.77 -1.19 -10.89
N VAL A 54 4.02 -1.21 -10.45
CA VAL A 54 4.48 -2.24 -9.53
C VAL A 54 4.24 -1.84 -8.08
N SER A 55 4.29 -0.54 -7.76
CA SER A 55 4.06 -0.06 -6.40
C SER A 55 2.68 -0.45 -5.90
N PRO A 56 2.57 -1.03 -4.70
CA PRO A 56 1.26 -1.46 -4.19
C PRO A 56 0.47 -0.38 -3.46
N VAL A 57 1.06 0.79 -3.25
CA VAL A 57 0.40 1.87 -2.53
C VAL A 57 0.05 3.04 -3.43
N SER A 58 0.27 2.91 -4.74
CA SER A 58 0.16 4.05 -5.63
C SER A 58 -1.11 4.07 -6.45
N VAL A 59 -1.78 2.94 -6.66
CA VAL A 59 -2.95 2.96 -7.52
C VAL A 59 -4.01 3.87 -6.91
N CYS A 60 -4.66 4.67 -7.78
CA CYS A 60 -5.68 5.66 -7.45
C CYS A 60 -5.11 6.88 -6.73
N ASN A 61 -3.79 7.06 -6.72
CA ASN A 61 -3.19 8.30 -6.26
C ASN A 61 -2.96 9.24 -7.44
N PHE A 62 -2.93 10.53 -7.14
CA PHE A 62 -2.65 11.59 -8.10
C PHE A 62 -1.68 12.58 -7.47
N LYS A 63 -0.82 13.18 -8.29
CA LYS A 63 -0.05 14.31 -7.78
C LYS A 63 0.28 15.26 -8.93
N GLY A 64 0.55 16.50 -8.56
CA GLY A 64 0.83 17.52 -9.53
C GLY A 64 0.71 18.88 -8.89
N ASN A 65 0.63 19.89 -9.74
CA ASN A 65 0.54 21.27 -9.27
C ASN A 65 -0.91 21.66 -9.12
N LEU A 66 -1.21 22.40 -8.05
CA LEU A 66 -2.51 23.06 -7.90
C LEU A 66 -2.47 24.29 -8.79
N GLN A 67 -2.98 24.10 -10.01
CA GLN A 67 -2.85 25.12 -11.05
C GLN A 67 -3.65 26.37 -10.72
N ALA A 68 -4.90 26.20 -10.32
CA ALA A 68 -5.81 27.31 -10.09
C ALA A 68 -7.05 26.77 -9.38
N GLU A 69 -7.74 27.66 -8.67
CA GLU A 69 -9.15 27.46 -8.39
C GLU A 69 -9.92 27.66 -9.68
N VAL A 70 -10.78 26.71 -10.02
CA VAL A 70 -11.45 26.80 -11.32
C VAL A 70 -12.33 28.04 -11.31
N PRO A 71 -12.15 28.96 -12.26
CA PRO A 71 -13.00 30.16 -12.30
C PRO A 71 -14.47 29.81 -12.44
N GLY A 72 -15.28 30.53 -11.69
CA GLY A 72 -16.73 30.29 -11.66
C GLY A 72 -17.14 29.24 -10.67
N GLN A 73 -16.45 28.11 -10.67
CA GLN A 73 -16.86 27.00 -9.84
C GLN A 73 -16.63 27.31 -8.36
N HIS A 74 -17.32 26.54 -7.52
CA HIS A 74 -17.23 26.68 -6.08
C HIS A 74 -16.31 25.58 -5.57
N GLN A 75 -15.16 25.99 -5.01
CA GLN A 75 -14.23 25.08 -4.35
C GLN A 75 -13.88 23.88 -5.25
N LEU A 76 -13.63 24.17 -6.53
CA LEU A 76 -13.09 23.21 -7.47
C LEU A 76 -11.67 23.62 -7.77
N TYR A 77 -10.75 22.66 -7.76
CA TYR A 77 -9.34 22.94 -7.92
C TYR A 77 -8.79 22.18 -9.12
N GLN A 78 -8.01 22.87 -9.93
CA GLN A 78 -7.44 22.30 -11.14
C GLN A 78 -6.06 21.76 -10.84
N LEU A 79 -5.89 20.44 -10.97
CA LEU A 79 -4.58 19.83 -10.89
C LEU A 79 -3.96 19.73 -12.28
N GLN A 80 -2.66 20.02 -12.35
CA GLN A 80 -1.84 19.67 -13.50
C GLN A 80 -0.94 18.51 -13.07
N LEU A 81 -1.31 17.30 -13.48
CA LEU A 81 -0.67 16.08 -13.02
C LEU A 81 0.78 15.99 -13.47
N THR A 82 1.59 15.37 -12.62
CA THR A 82 2.76 14.65 -13.08
C THR A 82 2.46 13.17 -12.95
N ASN A 83 3.36 12.35 -13.48
CA ASN A 83 3.33 10.93 -13.18
C ASN A 83 3.67 10.70 -11.72
N LEU A 84 3.16 9.62 -11.14
CA LEU A 84 3.36 9.39 -9.70
C LEU A 84 4.84 9.30 -9.34
N ASP A 85 5.71 8.97 -10.29
CA ASP A 85 7.15 9.01 -10.04
C ASP A 85 7.75 10.41 -10.21
N GLY A 86 6.93 11.44 -10.39
CA GLY A 86 7.41 12.80 -10.56
C GLY A 86 7.67 13.21 -11.99
N SER A 87 7.89 12.26 -12.89
CA SER A 87 8.19 12.58 -14.28
C SER A 87 6.98 13.24 -14.95
N PRO A 88 7.21 14.00 -16.00
CA PRO A 88 6.09 14.66 -16.70
C PRO A 88 5.18 13.66 -17.41
N ILE A 89 3.91 14.05 -17.50
CA ILE A 89 2.91 13.30 -18.24
C ILE A 89 3.23 13.38 -19.72
N ASP A 90 3.36 12.22 -20.37
CA ASP A 90 3.58 12.18 -21.81
C ASP A 90 2.37 11.55 -22.48
N PRO A 91 1.46 12.35 -23.05
CA PRO A 91 0.25 11.78 -23.64
C PRO A 91 0.50 10.88 -24.84
N THR A 92 1.73 10.80 -25.36
CA THR A 92 2.01 9.89 -26.47
C THR A 92 2.44 8.51 -26.00
N ASP A 93 2.57 8.30 -24.69
CA ASP A 93 2.84 6.97 -24.15
C ASP A 93 1.77 5.99 -24.61
N ASP A 94 2.16 4.72 -24.74
CA ASP A 94 1.24 3.68 -25.22
C ASP A 94 0.45 3.08 -24.06
N THR A 95 -0.10 3.94 -23.22
CA THR A 95 -0.97 3.56 -22.12
C THR A 95 -2.29 4.30 -22.28
N PRO A 96 -3.38 3.80 -21.69
CA PRO A 96 -4.64 4.55 -21.78
C PRO A 96 -4.58 5.85 -21.00
N GLY A 97 -3.76 5.89 -19.95
CA GLY A 97 -3.61 7.03 -19.10
C GLY A 97 -2.37 6.82 -18.25
N PRO A 98 -2.07 7.76 -17.36
CA PRO A 98 -0.86 7.61 -16.52
C PRO A 98 -0.97 6.41 -15.61
N LEU A 99 0.17 5.80 -15.30
CA LEU A 99 0.13 4.59 -14.49
C LEU A 99 -0.52 4.89 -13.14
N GLY A 100 -1.25 3.90 -12.63
CA GLY A 100 -1.95 4.03 -11.37
C GLY A 100 -3.28 4.76 -11.43
N CYS A 101 -3.67 5.27 -12.59
CA CYS A 101 -4.91 6.01 -12.69
C CYS A 101 -6.10 5.10 -12.40
N PRO A 102 -7.13 5.59 -11.70
CA PRO A 102 -8.32 4.76 -11.46
C PRO A 102 -8.90 4.23 -12.77
N ASP A 103 -9.34 2.98 -12.76
CA ASP A 103 -9.93 2.38 -13.95
C ASP A 103 -11.42 2.15 -13.79
N PHE A 104 -12.08 2.92 -12.93
CA PHE A 104 -13.52 2.80 -12.71
C PHE A 104 -14.13 4.20 -12.76
N THR A 105 -15.44 4.26 -12.98
CA THR A 105 -16.12 5.54 -12.90
C THR A 105 -16.84 5.63 -11.56
N GLY A 106 -16.70 6.77 -10.90
CA GLY A 106 -17.36 6.97 -9.64
C GLY A 106 -16.84 8.24 -9.00
N LEU A 107 -17.38 8.52 -7.80
CA LEU A 107 -16.93 9.66 -7.02
C LEU A 107 -15.86 9.16 -6.05
N LEU A 108 -14.61 9.28 -6.47
CA LEU A 108 -13.48 8.82 -5.68
C LEU A 108 -13.23 9.78 -4.53
N TYR A 109 -13.23 9.26 -3.30
CA TYR A 109 -13.11 10.07 -2.10
C TYR A 109 -11.73 9.87 -1.46
N GLY A 110 -11.16 10.97 -0.97
CA GLY A 110 -9.85 10.89 -0.34
C GLY A 110 -9.43 12.21 0.26
N VAL A 111 -8.12 12.41 0.37
CA VAL A 111 -7.56 13.60 1.01
C VAL A 111 -6.55 14.23 0.07
N ALA A 112 -6.75 15.50 -0.24
CA ALA A 112 -5.76 16.29 -0.98
C ALA A 112 -4.87 17.01 0.03
N SER A 113 -3.55 16.85 -0.13
CA SER A 113 -2.60 17.46 0.78
C SER A 113 -1.58 18.24 -0.01
N GLN A 114 -1.01 19.26 0.64
CA GLN A 114 0.04 20.07 0.05
C GLN A 114 1.18 20.25 1.03
N ARG A 115 2.37 20.50 0.49
CA ARG A 115 3.50 20.97 1.27
C ARG A 115 4.12 22.12 0.52
N GLY A 116 4.23 23.28 1.18
CA GLY A 116 4.66 24.48 0.52
C GLY A 116 3.72 25.62 0.83
N PRO A 117 4.25 26.86 0.84
CA PRO A 117 5.67 27.22 0.67
C PRO A 117 6.50 26.73 1.86
N GLY A 118 7.78 26.42 1.65
CA GLY A 118 8.58 25.84 2.71
C GLY A 118 8.00 24.53 3.16
N ASP A 119 8.02 24.29 4.48
CA ASP A 119 7.46 23.08 5.07
C ASP A 119 6.06 23.30 5.66
N ALA A 120 5.41 24.41 5.31
CA ALA A 120 4.00 24.60 5.62
C ALA A 120 3.15 23.51 4.94
N THR A 121 2.29 22.86 5.70
CA THR A 121 1.46 21.78 5.17
C THR A 121 -0.02 22.02 5.45
N ARG A 122 -0.87 21.30 4.71
CA ARG A 122 -2.31 21.35 4.87
C ARG A 122 -2.92 20.19 4.09
N ALA A 123 -3.99 19.61 4.63
CA ALA A 123 -4.70 18.51 3.98
C ALA A 123 -6.17 18.59 4.30
N HIS A 124 -7.03 18.26 3.32
CA HIS A 124 -8.47 18.25 3.53
C HIS A 124 -9.10 17.18 2.65
N GLU A 125 -10.23 16.65 3.12
CA GLU A 125 -11.02 15.73 2.31
C GLU A 125 -11.28 16.31 0.92
N ALA A 126 -11.33 15.44 -0.07
CA ALA A 126 -11.48 15.86 -1.45
C ALA A 126 -12.16 14.72 -2.20
N ARG A 127 -12.81 15.05 -3.31
CA ARG A 127 -13.40 14.03 -4.16
CA ARG A 127 -13.35 14.00 -4.16
C ARG A 127 -13.18 14.38 -5.62
N ILE A 128 -12.99 13.33 -6.43
CA ILE A 128 -12.74 13.44 -7.87
C ILE A 128 -13.76 12.58 -8.58
N ASP A 129 -14.55 13.19 -9.47
CA ASP A 129 -15.56 12.47 -10.24
C ASP A 129 -14.87 11.90 -11.48
N THR A 130 -14.57 10.59 -11.47
CA THR A 130 -13.85 10.06 -12.61
C THR A 130 -14.72 9.91 -13.84
N GLY A 131 -16.03 10.16 -13.72
CA GLY A 131 -16.93 10.19 -14.84
C GLY A 131 -17.20 11.57 -15.41
N SER A 132 -16.63 12.61 -14.80
CA SER A 132 -16.83 13.97 -15.29
C SER A 132 -16.13 14.19 -16.61
N ASP A 133 -16.70 15.07 -17.45
CA ASP A 133 -16.08 15.30 -18.74
C ASP A 133 -14.76 16.07 -18.62
N THR A 134 -14.50 16.71 -17.48
CA THR A 134 -13.21 17.34 -17.21
C THR A 134 -12.13 16.35 -16.77
N PHE A 135 -12.50 15.13 -16.41
CA PHE A 135 -11.52 14.14 -15.99
C PHE A 135 -10.74 13.69 -17.21
N ALA A 136 -9.50 14.16 -17.34
CA ALA A 136 -8.66 13.83 -18.50
C ALA A 136 -7.23 13.61 -18.06
N PRO A 137 -6.99 12.60 -17.22
CA PRO A 137 -5.62 12.37 -16.72
C PRO A 137 -4.62 12.04 -17.82
N LYS A 138 -5.07 11.51 -18.96
CA LYS A 138 -4.13 11.16 -20.03
C LYS A 138 -3.31 12.38 -20.46
N ILE A 139 -3.94 13.55 -20.46
CA ILE A 139 -3.24 14.81 -20.73
C ILE A 139 -2.98 15.59 -19.45
N GLY A 140 -3.12 14.94 -18.29
CA GLY A 140 -2.71 15.54 -17.04
C GLY A 140 -3.67 16.55 -16.44
N GLN A 141 -4.95 16.51 -16.80
CA GLN A 141 -5.93 17.45 -16.28
C GLN A 141 -6.96 16.72 -15.42
N VAL A 142 -6.96 17.00 -14.12
CA VAL A 142 -7.96 16.45 -13.21
CA VAL A 142 -7.93 16.44 -13.18
C VAL A 142 -8.37 17.53 -12.23
N ARG A 143 -9.64 17.54 -11.86
CA ARG A 143 -10.18 18.47 -10.89
C ARG A 143 -10.64 17.73 -9.64
N PHE A 144 -10.49 18.38 -8.49
CA PHE A 144 -11.03 17.82 -7.28
C PHE A 144 -11.89 18.86 -6.59
N TYR A 145 -12.88 18.38 -5.86
CA TYR A 145 -13.74 19.23 -5.04
C TYR A 145 -13.36 19.04 -3.59
N SER A 146 -13.43 20.11 -2.80
CA SER A 146 -13.18 20.05 -1.39
C SER A 146 -14.08 21.05 -0.70
N THR A 147 -14.65 20.66 0.45
CA THR A 147 -15.41 21.60 1.25
C THR A 147 -14.52 22.72 1.81
N SER A 148 -13.21 22.50 1.86
CA SER A 148 -12.29 23.51 2.37
C SER A 148 -11.82 24.43 1.25
N SER A 149 -11.61 25.69 1.60
CA SER A 149 -10.95 26.65 0.73
C SER A 149 -9.46 26.77 1.01
N ASP A 150 -8.95 25.96 1.94
CA ASP A 150 -7.58 26.07 2.44
C ASP A 150 -6.61 25.28 1.55
N PHE A 151 -6.42 25.82 0.33
CA PHE A 151 -5.48 25.25 -0.63
C PHE A 151 -4.71 26.37 -1.30
N GLU A 152 -3.38 26.24 -1.35
CA GLU A 152 -2.54 27.25 -1.98
C GLU A 152 -2.37 26.92 -3.46
N THR A 153 -2.57 27.93 -4.31
CA THR A 153 -2.25 27.78 -5.72
C THR A 153 -0.75 27.62 -5.91
N ASN A 154 -0.37 26.80 -6.90
CA ASN A 154 1.03 26.63 -7.33
C ASN A 154 1.89 25.99 -6.25
N GLN A 155 1.33 25.08 -5.48
CA GLN A 155 2.09 24.28 -4.54
C GLN A 155 1.91 22.81 -4.87
N PRO A 156 2.92 21.98 -4.63
CA PRO A 156 2.77 20.54 -4.88
C PRO A 156 1.60 19.98 -4.07
N THR A 157 0.79 19.18 -4.75
CA THR A 157 -0.44 18.66 -4.18
C THR A 157 -0.53 17.16 -4.44
N HIS A 158 -1.01 16.41 -3.44
CA HIS A 158 -1.17 14.97 -3.58
C HIS A 158 -2.59 14.55 -3.20
N PHE A 159 -3.18 13.68 -4.01
CA PHE A 159 -4.47 13.07 -3.71
C PHE A 159 -4.25 11.63 -3.23
N THR A 160 -4.60 11.38 -1.98
CA THR A 160 -4.52 10.04 -1.41
C THR A 160 -5.90 9.43 -1.40
N PRO A 161 -6.11 8.28 -2.05
CA PRO A 161 -7.45 7.73 -2.14
C PRO A 161 -7.83 7.01 -0.85
N ILE A 162 -9.11 7.06 -0.53
CA ILE A 162 -9.57 6.42 0.70
C ILE A 162 -10.76 5.53 0.38
N GLY A 163 -11.72 6.05 -0.39
CA GLY A 163 -12.85 5.22 -0.74
C GLY A 163 -13.76 5.83 -1.78
N ILE A 164 -15.05 5.53 -1.70
CA ILE A 164 -16.01 5.96 -2.69
C ILE A 164 -17.15 6.70 -1.99
N TYR A 165 -17.71 7.68 -2.70
CA TYR A 165 -18.72 8.59 -2.16
C TYR A 165 -19.95 8.46 -3.05
N ILE A 166 -21.07 8.01 -2.46
CA ILE A 166 -22.33 7.79 -3.19
C ILE A 166 -23.25 8.97 -2.91
N GLU A 167 -23.55 9.76 -3.95
CA GLU A 167 -24.49 10.86 -3.87
C GLU A 167 -25.23 10.97 -5.18
N GLY A 168 -26.43 11.55 -5.13
CA GLY A 168 -27.30 11.53 -6.30
C GLY A 168 -26.75 12.29 -7.48
N ASN A 169 -26.11 13.43 -7.23
CA ASN A 169 -25.69 14.35 -8.29
C ASN A 169 -24.27 14.07 -8.82
N SER A 170 -23.67 12.94 -8.47
CA SER A 170 -22.42 12.50 -9.07
C SER A 170 -22.61 11.09 -9.61
N SER A 171 -21.63 10.63 -10.39
CA SER A 171 -21.76 9.32 -11.01
C SER A 171 -21.67 8.21 -9.97
N ASP A 172 -22.55 7.22 -10.10
CA ASP A 172 -22.48 6.11 -9.16
C ASP A 172 -21.25 5.25 -9.45
N PHE A 173 -20.84 4.51 -8.43
CA PHE A 173 -19.65 3.66 -8.53
C PHE A 173 -19.98 2.47 -9.43
N ASN A 174 -19.32 2.42 -10.58
CA ASN A 174 -19.44 1.31 -11.53
C ASN A 174 -18.03 0.82 -11.79
N GLN A 175 -17.65 -0.28 -11.13
CA GLN A 175 -16.26 -0.72 -11.14
C GLN A 175 -15.82 -1.26 -12.50
N TRP A 176 -16.76 -1.60 -13.37
CA TRP A 176 -16.42 -2.12 -14.69
C TRP A 176 -16.59 -1.09 -15.80
N GLN A 177 -16.93 0.17 -15.48
CA GLN A 177 -17.06 1.21 -16.49
C GLN A 177 -15.78 2.03 -16.51
N LEU A 178 -15.05 1.96 -17.61
CA LEU A 178 -13.77 2.65 -17.69
C LEU A 178 -14.01 4.16 -17.81
N PRO A 179 -13.19 4.98 -17.16
CA PRO A 179 -13.25 6.41 -17.42
C PRO A 179 -12.78 6.71 -18.84
N ARG A 180 -13.23 7.84 -19.36
CA ARG A 180 -12.66 8.40 -20.59
C ARG A 180 -11.35 9.08 -20.21
N TYR A 181 -10.25 8.33 -20.30
CA TYR A 181 -8.96 8.82 -19.82
C TYR A 181 -8.54 10.14 -20.46
N GLY A 182 -9.02 10.43 -21.66
CA GLY A 182 -8.65 11.61 -22.39
C GLY A 182 -9.63 12.76 -22.31
N GLY A 183 -10.68 12.66 -21.51
CA GLY A 183 -11.71 13.68 -21.46
C GLY A 183 -12.77 13.49 -22.53
N HIS A 184 -13.86 14.23 -22.35
CA HIS A 184 -15.14 14.12 -23.09
C HIS A 184 -15.08 13.45 -24.45
N LEU A 185 -14.28 14.00 -25.36
CA LEU A 185 -14.41 13.61 -26.76
C LEU A 185 -13.46 12.49 -27.17
N ALA A 186 -12.43 12.20 -26.38
CA ALA A 186 -11.42 11.23 -26.79
C ALA A 186 -11.87 9.81 -26.51
N ASN A 187 -11.61 8.92 -27.47
CA ASN A 187 -11.78 7.49 -27.29
C ASN A 187 -10.58 6.93 -26.53
N ASN A 188 -10.85 5.97 -25.66
CA ASN A 188 -9.75 5.31 -24.97
C ASN A 188 -8.89 4.53 -25.96
N ASN A 189 -7.60 4.41 -25.66
CA ASN A 189 -6.72 3.65 -26.54
C ASN A 189 -5.64 2.96 -25.71
N HIS A 190 -5.01 1.97 -26.34
CA HIS A 190 -3.96 1.16 -25.72
C HIS A 190 -4.45 0.46 -24.45
N LEU A 191 -5.72 0.05 -24.44
CA LEU A 191 -6.31 -0.60 -23.27
C LEU A 191 -5.85 -2.05 -23.17
N ALA A 192 -5.59 -2.50 -21.94
CA ALA A 192 -5.51 -3.94 -21.75
C ALA A 192 -6.84 -4.57 -22.19
N PRO A 193 -6.84 -5.77 -22.78
CA PRO A 193 -8.07 -6.31 -23.34
C PRO A 193 -9.03 -6.82 -22.27
N ALA A 194 -10.30 -6.92 -22.68
CA ALA A 194 -11.31 -7.56 -21.87
C ALA A 194 -11.01 -9.04 -21.69
N VAL A 195 -11.47 -9.61 -20.57
CA VAL A 195 -11.23 -11.01 -20.25
C VAL A 195 -12.56 -11.69 -19.98
N SER A 196 -12.61 -12.98 -20.29
CA SER A 196 -13.80 -13.77 -20.02
C SER A 196 -13.40 -15.24 -20.04
N PRO A 197 -14.10 -16.09 -19.28
CA PRO A 197 -13.81 -17.52 -19.35
C PRO A 197 -14.24 -18.06 -20.70
N LEU A 198 -13.39 -18.90 -21.28
CA LEU A 198 -13.70 -19.45 -22.59
C LEU A 198 -14.11 -20.92 -22.54
N PHE A 199 -13.69 -21.64 -21.54
CA PHE A 199 -14.02 -23.06 -21.45
C PHE A 199 -15.35 -23.24 -20.72
N PRO A 200 -16.26 -24.06 -21.25
CA PRO A 200 -17.58 -24.21 -20.61
C PRO A 200 -17.48 -24.66 -19.15
N GLY A 201 -18.39 -24.12 -18.33
CA GLY A 201 -18.43 -24.40 -16.91
C GLY A 201 -17.50 -23.58 -16.06
N GLU A 202 -16.67 -22.72 -16.65
CA GLU A 202 -15.70 -21.94 -15.89
C GLU A 202 -16.15 -20.50 -15.72
N GLN A 203 -15.68 -19.89 -14.62
CA GLN A 203 -15.91 -18.48 -14.35
C GLN A 203 -14.59 -17.87 -13.93
N ILE A 204 -14.46 -16.55 -14.12
CA ILE A 204 -13.30 -15.87 -13.61
C ILE A 204 -13.32 -15.93 -12.09
N LEU A 205 -12.13 -16.08 -11.50
CA LEU A 205 -11.92 -15.97 -10.07
C LEU A 205 -11.39 -14.57 -9.78
N PHE A 206 -12.12 -13.81 -8.97
CA PHE A 206 -11.74 -12.45 -8.62
C PHE A 206 -11.22 -12.39 -7.19
N PHE A 207 -10.37 -11.42 -6.93
CA PHE A 207 -9.90 -11.10 -5.59
C PHE A 207 -10.58 -9.81 -5.18
N ARG A 208 -11.54 -9.92 -4.27
CA ARG A 208 -12.48 -8.86 -3.98
C ARG A 208 -12.10 -8.13 -2.69
N SER A 209 -12.19 -6.80 -2.73
CA SER A 209 -12.07 -5.99 -1.52
C SER A 209 -13.35 -5.18 -1.33
N PHE A 210 -13.64 -4.82 -0.09
CA PHE A 210 -14.78 -3.97 0.21
C PHE A 210 -14.18 -2.62 0.59
N ILE A 211 -14.10 -1.70 -0.38
CA ILE A 211 -13.38 -0.46 -0.13
C ILE A 211 -14.28 0.41 0.74
N PRO A 212 -13.72 1.39 1.48
CA PRO A 212 -14.55 2.23 2.34
C PRO A 212 -15.52 3.11 1.57
N GLY A 213 -16.67 3.35 2.18
CA GLY A 213 -17.63 4.32 1.69
C GLY A 213 -17.57 5.57 2.56
N ALA A 214 -17.68 6.72 1.91
CA ALA A 214 -17.72 8.00 2.60
C ALA A 214 -19.13 8.52 2.82
N SER A 215 -20.11 8.02 2.07
CA SER A 215 -21.48 8.50 2.17
C SER A 215 -22.35 7.59 1.32
N GLY A 216 -23.65 7.56 1.64
CA GLY A 216 -24.58 6.76 0.87
C GLY A 216 -24.42 5.27 1.17
N HIS A 217 -25.16 4.48 0.39
CA HIS A 217 -25.19 3.03 0.53
C HIS A 217 -24.31 2.41 -0.56
N THR A 218 -23.30 1.66 -0.14
CA THR A 218 -22.50 0.92 -1.11
C THR A 218 -21.75 -0.17 -0.35
N ASN A 219 -21.64 -1.34 -0.97
CA ASN A 219 -20.77 -2.35 -0.42
C ASN A 219 -19.33 -2.21 -0.88
N GLY A 220 -19.04 -1.19 -1.71
CA GLY A 220 -17.65 -0.90 -2.05
C GLY A 220 -16.93 -2.00 -2.78
N GLU A 221 -17.65 -2.83 -3.53
CA GLU A 221 -17.06 -4.04 -4.11
C GLU A 221 -16.08 -3.68 -5.22
N MET A 222 -14.83 -4.12 -5.07
CA MET A 222 -13.77 -3.84 -6.05
C MET A 222 -13.04 -5.15 -6.34
N ASP A 223 -13.22 -5.69 -7.55
CA ASP A 223 -12.69 -6.99 -7.94
C ASP A 223 -11.47 -6.80 -8.82
N CYS A 224 -10.35 -7.40 -8.44
CA CYS A 224 -9.19 -7.41 -9.32
C CYS A 224 -8.91 -8.83 -9.81
N LEU A 225 -8.18 -8.91 -10.92
CA LEU A 225 -7.90 -10.19 -11.56
C LEU A 225 -6.69 -10.89 -10.97
N LEU A 226 -5.76 -10.13 -10.41
CA LEU A 226 -4.52 -10.64 -9.84
C LEU A 226 -4.20 -9.79 -8.61
N PRO A 227 -3.91 -10.40 -7.47
CA PRO A 227 -3.40 -9.59 -6.35
C PRO A 227 -2.12 -8.87 -6.76
N GLN A 228 -1.89 -7.70 -6.16
CA GLN A 228 -0.73 -6.91 -6.56
C GLN A 228 0.58 -7.68 -6.37
N GLU A 229 0.62 -8.59 -5.38
CA GLU A 229 1.86 -9.34 -5.16
C GLU A 229 2.15 -10.31 -6.29
N PHE A 230 1.11 -10.86 -6.94
CA PHE A 230 1.36 -11.66 -8.14
C PHE A 230 1.97 -10.80 -9.24
N VAL A 231 1.42 -9.59 -9.42
CA VAL A 231 1.95 -8.66 -10.43
C VAL A 231 3.43 -8.37 -10.18
N GLN A 232 3.75 -8.03 -8.92
CA GLN A 232 5.14 -7.74 -8.59
C GLN A 232 6.04 -8.94 -8.82
N HIS A 233 5.56 -10.13 -8.44
CA HIS A 233 6.35 -11.35 -8.57
C HIS A 233 6.63 -11.67 -10.03
N PHE A 234 5.59 -11.62 -10.87
CA PHE A 234 5.78 -11.91 -12.30
C PHE A 234 6.74 -10.91 -12.93
N TYR A 235 6.60 -9.64 -12.56
CA TYR A 235 7.54 -8.62 -13.02
C TYR A 235 8.96 -8.95 -12.60
N GLN A 236 9.16 -9.38 -11.35
CA GLN A 236 10.50 -9.72 -10.90
C GLN A 236 11.06 -10.90 -11.67
N GLU A 237 10.24 -11.94 -11.89
CA GLU A 237 10.78 -13.22 -12.39
C GLU A 237 11.03 -13.21 -13.89
N ALA A 238 10.16 -12.56 -14.68
CA ALA A 238 10.23 -12.60 -16.14
C ALA A 238 10.42 -14.04 -16.63
N ALA A 239 9.67 -14.96 -16.04
CA ALA A 239 9.77 -16.38 -16.39
C ALA A 239 8.99 -16.65 -17.66
N THR A 240 9.49 -17.55 -18.49
CA THR A 240 8.80 -17.86 -19.73
C THR A 240 7.59 -18.75 -19.45
N ALA A 241 6.44 -18.39 -20.01
CA ALA A 241 5.26 -19.23 -19.91
C ALA A 241 5.42 -20.41 -20.87
N ARG A 242 5.56 -21.62 -20.31
CA ARG A 242 5.78 -22.82 -21.10
C ARG A 242 4.52 -23.28 -21.81
N SER A 243 3.34 -22.79 -21.40
CA SER A 243 2.10 -23.07 -22.10
C SER A 243 1.20 -21.87 -21.87
N GLU A 244 -0.03 -21.96 -22.35
CA GLU A 244 -0.96 -20.84 -22.22
C GLU A 244 -1.61 -20.75 -20.85
N VAL A 245 -1.53 -21.79 -20.03
CA VAL A 245 -2.20 -21.83 -18.74
C VAL A 245 -1.25 -22.42 -17.70
N ALA A 246 -1.07 -21.71 -16.59
CA ALA A 246 -0.42 -22.27 -15.42
C ALA A 246 -1.49 -22.88 -14.53
N LEU A 247 -1.39 -24.17 -14.27
CA LEU A 247 -2.33 -24.84 -13.37
C LEU A 247 -1.90 -24.57 -11.93
N LEU A 248 -2.82 -24.04 -11.13
CA LEU A 248 -2.57 -23.71 -9.73
C LEU A 248 -3.45 -24.58 -8.84
N ARG A 249 -2.98 -24.86 -7.62
CA ARG A 249 -3.72 -25.63 -6.63
C ARG A 249 -3.80 -24.87 -5.31
N PHE A 250 -5.00 -24.74 -4.75
CA PHE A 250 -5.19 -24.06 -3.48
C PHE A 250 -5.10 -25.08 -2.35
N VAL A 251 -4.14 -24.91 -1.44
CA VAL A 251 -3.91 -25.93 -0.43
C VAL A 251 -3.90 -25.32 0.96
N ASN A 252 -4.33 -26.12 1.94
CA ASN A 252 -4.33 -25.72 3.35
C ASN A 252 -3.10 -26.31 4.01
N PRO A 253 -2.11 -25.50 4.38
CA PRO A 253 -0.88 -26.06 4.95
C PRO A 253 -1.07 -26.68 6.33
N ASP A 254 -2.11 -26.29 7.07
CA ASP A 254 -2.32 -26.88 8.39
C ASP A 254 -2.55 -28.38 8.29
N THR A 255 -3.27 -28.81 7.26
CA THR A 255 -3.66 -30.20 7.12
C THR A 255 -3.15 -30.87 5.85
N GLY A 256 -2.50 -30.13 4.95
CA GLY A 256 -2.07 -30.70 3.69
C GLY A 256 -3.20 -31.02 2.73
N ARG A 257 -4.43 -30.71 3.08
CA ARG A 257 -5.56 -30.89 2.20
C ARG A 257 -5.50 -29.89 1.05
N ALA A 258 -5.67 -30.39 -0.17
CA ALA A 258 -5.80 -29.53 -1.34
C ALA A 258 -7.28 -29.30 -1.61
N LEU A 259 -7.65 -28.05 -1.86
CA LEU A 259 -9.06 -27.68 -1.83
C LEU A 259 -9.68 -27.53 -3.21
N PHE A 260 -9.01 -26.85 -4.14
CA PHE A 260 -9.47 -26.78 -5.52
C PHE A 260 -8.30 -26.38 -6.40
N GLU A 261 -8.52 -26.47 -7.71
CA GLU A 261 -7.53 -26.03 -8.67
C GLU A 261 -8.13 -24.92 -9.52
N SER A 262 -7.23 -24.12 -10.09
CA SER A 262 -7.58 -22.94 -10.85
C SER A 262 -6.62 -22.82 -12.04
N LYS A 263 -7.07 -22.18 -13.11
CA LYS A 263 -6.27 -22.02 -14.31
C LYS A 263 -5.83 -20.57 -14.44
N LEU A 264 -4.53 -20.34 -14.29
CA LEU A 264 -3.96 -19.00 -14.38
C LEU A 264 -3.54 -18.79 -15.83
N HIS A 265 -4.32 -18.03 -16.57
CA HIS A 265 -4.06 -17.84 -17.99
C HIS A 265 -2.87 -16.91 -18.17
N LYS A 266 -2.12 -17.16 -19.25
CA LYS A 266 -0.87 -16.46 -19.51
C LYS A 266 -1.06 -14.96 -19.52
N GLN A 267 -2.19 -14.48 -20.02
CA GLN A 267 -2.40 -13.05 -20.18
C GLN A 267 -2.89 -12.39 -18.90
N GLY A 268 -3.04 -13.14 -17.82
CA GLY A 268 -3.08 -12.55 -16.48
C GLY A 268 -4.42 -12.59 -15.77
N PHE A 269 -5.08 -13.74 -15.75
CA PHE A 269 -6.29 -13.88 -14.95
C PHE A 269 -6.53 -15.36 -14.69
N MET A 270 -7.37 -15.64 -13.70
CA MET A 270 -7.60 -17.00 -13.24
C MET A 270 -9.06 -17.37 -13.46
N THR A 271 -9.29 -18.64 -13.81
CA THR A 271 -10.63 -19.21 -13.86
C THR A 271 -10.69 -20.46 -12.99
N ILE A 272 -11.92 -20.75 -12.56
CA ILE A 272 -12.25 -21.94 -11.80
C ILE A 272 -13.53 -22.52 -12.40
N ALA A 273 -13.77 -23.79 -12.11
CA ALA A 273 -15.05 -24.41 -12.47
C ALA A 273 -16.06 -24.04 -11.39
N SER A 274 -16.99 -23.15 -11.71
CA SER A 274 -17.99 -22.74 -10.73
C SER A 274 -19.16 -22.14 -11.47
N SER A 275 -20.27 -21.99 -10.76
CA SER A 275 -21.48 -21.45 -11.33
C SER A 275 -22.11 -20.49 -10.33
N GLY A 276 -22.50 -19.30 -10.80
CA GLY A 276 -23.18 -18.35 -9.97
C GLY A 276 -22.24 -17.27 -9.43
N ASP A 277 -22.86 -16.29 -8.80
CA ASP A 277 -22.15 -15.17 -8.18
C ASP A 277 -22.09 -15.45 -6.68
N HIS A 278 -20.91 -15.76 -6.17
CA HIS A 278 -20.80 -16.08 -4.75
C HIS A 278 -19.35 -15.99 -4.36
N PRO A 279 -19.05 -15.72 -3.09
CA PRO A 279 -17.67 -15.79 -2.62
C PRO A 279 -17.18 -17.23 -2.60
N ILE A 280 -15.86 -17.38 -2.67
CA ILE A 280 -15.20 -18.67 -2.54
C ILE A 280 -14.53 -18.67 -1.17
N ILE A 281 -15.19 -19.27 -0.19
CA ILE A 281 -14.70 -19.22 1.19
C ILE A 281 -13.87 -20.46 1.44
N MET A 282 -12.66 -20.25 1.95
CA MET A 282 -11.67 -21.30 2.13
C MET A 282 -11.01 -21.16 3.49
N PRO A 283 -10.35 -22.21 3.99
CA PRO A 283 -9.55 -22.10 5.22
C PRO A 283 -8.65 -20.89 5.19
N THR A 284 -8.53 -20.23 6.35
CA THR A 284 -7.86 -18.93 6.37
CA THR A 284 -7.83 -18.95 6.45
C THR A 284 -6.38 -19.04 5.98
N ASN A 285 -5.73 -20.15 6.25
CA ASN A 285 -4.31 -20.26 5.95
C ASN A 285 -4.01 -20.83 4.56
N GLY A 286 -5.02 -21.05 3.73
CA GLY A 286 -4.79 -21.63 2.42
C GLY A 286 -4.10 -20.67 1.45
N TYR A 287 -3.39 -21.26 0.49
CA TYR A 287 -2.71 -20.45 -0.51
C TYR A 287 -2.58 -21.26 -1.80
N PHE A 288 -2.35 -20.53 -2.89
CA PHE A 288 -2.15 -21.12 -4.22
C PHE A 288 -0.70 -21.54 -4.43
N ARG A 289 -0.55 -22.60 -5.22
CA ARG A 289 0.76 -23.16 -5.53
C ARG A 289 0.74 -23.63 -6.98
N PHE A 290 1.82 -23.33 -7.71
CA PHE A 290 1.94 -23.77 -9.10
C PHE A 290 2.12 -25.28 -9.16
N GLU A 291 1.38 -25.92 -10.05
CA GLU A 291 1.48 -27.38 -10.22
C GLU A 291 1.98 -27.80 -11.59
N ALA A 292 1.52 -27.19 -12.68
CA ALA A 292 1.84 -27.73 -13.99
C ALA A 292 1.45 -26.74 -15.08
N TRP A 293 2.06 -26.93 -16.25
CA TRP A 293 1.73 -26.15 -17.45
C TRP A 293 0.68 -26.91 -18.25
N VAL A 294 -0.54 -26.35 -18.35
CA VAL A 294 -1.60 -27.02 -19.10
C VAL A 294 -2.13 -26.12 -20.21
N ASN A 295 -3.17 -26.53 -20.89
CA ASN A 295 -3.73 -25.64 -21.90
C ASN A 295 -5.11 -25.18 -21.48
N GLN A 296 -5.70 -24.33 -22.31
CA GLN A 296 -6.98 -23.70 -22.00
C GLN A 296 -8.13 -24.70 -21.90
N PHE A 297 -7.94 -25.96 -22.31
CA PHE A 297 -8.97 -27.00 -22.27
C PHE A 297 -8.85 -27.95 -21.10
N TYR A 298 -7.91 -27.72 -20.18
CA TYR A 298 -7.81 -28.52 -18.96
C TYR A 298 -9.07 -28.38 -18.14
N SER A 299 -9.64 -29.52 -17.75
CA SER A 299 -10.97 -29.54 -17.14
C SER A 299 -10.87 -29.67 -15.62
N LEU A 300 -11.40 -28.68 -14.90
CA LEU A 300 -11.28 -28.60 -13.45
C LEU A 300 -12.52 -29.17 -12.74
N ALA A 301 -12.29 -29.74 -11.55
CA ALA A 301 -13.42 -30.15 -10.73
C ALA A 301 -14.07 -28.92 -10.10
N PRO A 302 -15.40 -28.89 -10.03
CA PRO A 302 -16.08 -27.69 -9.54
C PRO A 302 -15.72 -27.35 -8.09
N VAL A 303 -15.83 -26.06 -7.78
CA VAL A 303 -15.70 -25.56 -6.43
C VAL A 303 -16.87 -24.65 -6.09
N LYS B 1 19.20 -22.99 -1.05
CA LYS B 1 18.62 -21.81 -1.71
C LYS B 1 19.50 -20.56 -1.52
N ALA B 2 19.88 -19.95 -2.64
CA ALA B 2 20.77 -18.81 -2.64
C ALA B 2 20.04 -17.54 -2.22
N PHE B 3 20.72 -16.72 -1.41
CA PHE B 3 20.17 -15.43 -1.00
C PHE B 3 20.07 -14.50 -2.20
N THR B 4 18.96 -13.75 -2.29
CA THR B 4 18.75 -12.81 -3.37
C THR B 4 18.04 -11.56 -2.84
N ILE B 5 18.16 -10.49 -3.61
CA ILE B 5 17.50 -9.20 -3.40
C ILE B 5 16.56 -9.00 -4.58
N PRO B 6 15.35 -8.46 -4.39
CA PRO B 6 14.54 -8.09 -5.55
C PRO B 6 15.14 -6.87 -6.25
N VAL B 7 14.95 -6.82 -7.58
CA VAL B 7 15.50 -5.77 -8.43
C VAL B 7 14.51 -4.60 -8.49
N LEU B 8 14.84 -3.49 -7.84
CA LEU B 8 13.93 -2.37 -7.72
C LEU B 8 14.67 -1.04 -7.76
N LYS B 9 14.15 -0.08 -8.51
CA LYS B 9 14.58 1.31 -8.39
C LYS B 9 14.11 1.87 -7.06
N ILE B 10 14.75 2.95 -6.62
CA ILE B 10 14.29 3.60 -5.39
C ILE B 10 12.83 3.99 -5.51
N SER B 11 12.44 4.49 -6.70
CA SER B 11 11.09 4.97 -6.92
C SER B 11 10.06 3.85 -7.01
N GLU B 12 10.48 2.59 -6.99
CA GLU B 12 9.56 1.47 -6.94
C GLU B 12 9.42 0.90 -5.53
N MET B 13 10.16 1.42 -4.57
CA MET B 13 10.15 0.89 -3.22
C MET B 13 9.07 1.52 -2.36
N THR B 14 8.58 0.73 -1.40
CA THR B 14 7.53 1.13 -0.48
C THR B 14 8.12 1.30 0.92
N ASN B 15 7.77 2.39 1.58
CA ASN B 15 8.20 2.56 2.96
C ASN B 15 7.52 1.50 3.82
N SER B 16 8.30 0.88 4.70
CA SER B 16 7.76 -0.12 5.61
C SER B 16 7.22 0.47 6.90
N ARG B 17 7.36 1.78 7.15
CA ARG B 17 6.80 2.38 8.35
C ARG B 17 5.60 3.27 8.09
N PHE B 18 5.24 3.51 6.82
CA PHE B 18 4.08 4.33 6.49
C PHE B 18 3.71 3.98 5.06
N PRO B 19 2.43 3.81 4.72
CA PRO B 19 2.11 3.18 3.41
C PRO B 19 2.20 4.17 2.25
N VAL B 20 3.43 4.59 1.94
CA VAL B 20 3.71 5.50 0.84
C VAL B 20 5.03 5.09 0.20
N PRO B 21 5.27 5.51 -1.04
CA PRO B 21 6.53 5.14 -1.70
C PRO B 21 7.73 5.77 -0.99
N VAL B 22 8.88 5.10 -1.13
CA VAL B 22 10.15 5.70 -0.72
C VAL B 22 10.47 6.86 -1.65
N ASP B 23 10.95 7.97 -1.06
CA ASP B 23 11.38 9.13 -1.83
C ASP B 23 12.88 9.15 -2.08
N GLN B 24 13.69 8.82 -1.10
CA GLN B 24 15.13 8.90 -1.27
C GLN B 24 15.82 7.98 -0.25
N MET B 25 17.02 7.55 -0.58
CA MET B 25 17.91 7.00 0.42
C MET B 25 18.51 8.13 1.25
N TYR B 26 18.85 7.82 2.49
CA TYR B 26 19.26 8.89 3.41
C TYR B 26 20.21 8.30 4.44
N THR B 27 21.21 9.06 4.83
CA THR B 27 22.07 8.62 5.92
C THR B 27 22.11 9.69 6.99
N SER B 28 22.36 9.26 8.21
CA SER B 28 22.33 10.15 9.37
C SER B 28 23.30 9.64 10.42
N ARG B 29 23.83 10.59 11.20
CA ARG B 29 24.62 10.27 12.39
C ARG B 29 23.74 9.84 13.56
N SER B 30 22.45 10.16 13.54
CA SER B 30 21.52 9.79 14.61
C SER B 30 21.99 10.31 15.97
N GLU B 31 22.52 11.54 15.99
CA GLU B 31 22.95 12.16 17.24
C GLU B 31 21.77 12.27 18.22
N GLY B 32 21.98 11.77 19.43
CA GLY B 32 20.95 11.83 20.46
C GLY B 32 19.69 11.04 20.16
N ILE B 33 19.80 10.01 19.31
CA ILE B 33 18.63 9.28 18.81
C ILE B 33 18.88 7.78 18.94
N VAL B 34 17.87 7.07 19.43
CA VAL B 34 17.89 5.61 19.48
C VAL B 34 17.01 5.10 18.35
N VAL B 35 17.62 4.38 17.42
CA VAL B 35 16.93 3.87 16.25
C VAL B 35 16.35 2.51 16.62
N GLN B 36 15.04 2.46 16.88
CA GLN B 36 14.44 1.19 17.26
C GLN B 36 13.04 1.06 16.67
N PRO B 37 12.87 1.25 15.37
CA PRO B 37 11.54 1.10 14.80
C PRO B 37 11.06 -0.33 14.97
N GLN B 38 9.74 -0.48 14.99
CA GLN B 38 9.11 -1.78 15.15
C GLN B 38 8.46 -2.29 13.87
N ASN B 39 8.15 -1.40 12.92
CA ASN B 39 7.73 -1.81 11.60
C ASN B 39 8.92 -1.83 10.64
N GLY B 40 8.77 -2.62 9.58
CA GLY B 40 9.92 -2.80 8.70
C GLY B 40 11.09 -3.50 9.35
N ARG B 41 10.82 -4.48 10.22
CA ARG B 41 11.84 -5.23 10.95
C ARG B 41 11.76 -6.69 10.54
N ALA B 42 12.79 -7.16 9.83
CA ALA B 42 12.85 -8.54 9.37
C ALA B 42 14.30 -8.94 9.18
N THR B 43 14.66 -10.13 9.65
CA THR B 43 16.00 -10.65 9.37
C THR B 43 16.10 -11.05 7.90
N ILE B 44 17.33 -11.12 7.40
CA ILE B 44 17.51 -11.45 5.99
C ILE B 44 17.27 -12.92 5.72
N ASP B 45 17.18 -13.76 6.75
CA ASP B 45 16.75 -15.13 6.53
C ASP B 45 15.28 -15.34 6.88
N GLY B 46 14.49 -14.27 6.92
CA GLY B 46 13.05 -14.37 6.80
C GLY B 46 12.24 -14.28 8.08
N GLU B 47 12.81 -13.85 9.19
CA GLU B 47 12.05 -13.76 10.43
C GLU B 47 11.53 -12.33 10.60
N LEU B 48 10.22 -12.19 10.77
CA LEU B 48 9.62 -10.88 11.01
C LEU B 48 9.72 -10.52 12.49
N LEU B 49 10.02 -9.26 12.76
CA LEU B 49 10.23 -8.80 14.12
C LEU B 49 9.31 -7.62 14.44
N GLY B 50 9.25 -7.30 15.74
CA GLY B 50 8.45 -6.17 16.18
C GLY B 50 6.98 -6.31 15.83
N THR B 51 6.44 -5.28 15.17
CA THR B 51 5.05 -5.30 14.73
C THR B 51 4.94 -5.46 13.23
N THR B 52 5.95 -6.03 12.60
CA THR B 52 6.06 -6.02 11.16
C THR B 52 5.11 -7.04 10.54
N LEU B 53 4.31 -6.60 9.58
CA LEU B 53 3.50 -7.50 8.77
C LEU B 53 3.98 -7.44 7.33
N VAL B 54 3.50 -8.36 6.49
CA VAL B 54 3.99 -8.35 5.11
C VAL B 54 3.13 -7.48 4.21
N SER B 55 1.88 -7.26 4.56
CA SER B 55 1.02 -6.45 3.70
C SER B 55 1.56 -5.03 3.60
N PRO B 56 1.71 -4.48 2.39
CA PRO B 56 2.34 -3.16 2.26
C PRO B 56 1.38 -1.99 2.40
N VAL B 57 0.07 -2.23 2.48
CA VAL B 57 -0.92 -1.16 2.58
C VAL B 57 -1.50 -1.08 3.98
N SER B 58 -0.92 -1.78 4.95
CA SER B 58 -1.58 -1.96 6.24
C SER B 58 -0.94 -1.19 7.39
N VAL B 59 0.35 -0.83 7.29
CA VAL B 59 1.00 -0.19 8.42
C VAL B 59 0.29 1.14 8.73
N CYS B 60 0.08 1.38 10.04
CA CYS B 60 -0.58 2.56 10.59
C CYS B 60 -2.09 2.59 10.33
N ASN B 61 -2.68 1.50 9.85
CA ASN B 61 -4.13 1.37 9.82
C ASN B 61 -4.64 0.81 11.13
N PHE B 62 -5.90 1.11 11.45
CA PHE B 62 -6.60 0.51 12.58
C PHE B 62 -7.97 0.01 12.15
N LYS B 63 -8.45 -1.04 12.83
CA LYS B 63 -9.78 -1.56 12.62
CA LYS B 63 -9.76 -1.64 12.61
C LYS B 63 -10.37 -1.97 13.97
N GLY B 64 -11.66 -1.74 14.12
CA GLY B 64 -12.28 -2.14 15.37
C GLY B 64 -13.72 -1.71 15.41
N ASN B 65 -14.32 -2.00 16.56
CA ASN B 65 -15.67 -1.55 16.85
C ASN B 65 -15.63 -0.15 17.44
N LEU B 66 -16.59 0.69 17.04
CA LEU B 66 -16.73 1.96 17.74
C LEU B 66 -17.54 1.68 19.00
N GLN B 67 -16.86 1.62 20.14
CA GLN B 67 -17.53 1.21 21.36
C GLN B 67 -18.47 2.30 21.86
N ALA B 68 -17.97 3.53 21.99
CA ALA B 68 -18.76 4.61 22.53
C ALA B 68 -18.02 5.92 22.30
N GLU B 69 -18.76 7.02 22.37
CA GLU B 69 -18.14 8.32 22.57
C GLU B 69 -17.58 8.36 23.97
N VAL B 70 -16.37 8.89 24.13
CA VAL B 70 -15.82 8.99 25.48
C VAL B 70 -16.68 9.92 26.32
N PRO B 71 -17.17 9.50 27.49
CA PRO B 71 -18.15 10.31 28.23
C PRO B 71 -17.60 11.69 28.58
N GLY B 72 -18.39 12.73 28.29
CA GLY B 72 -17.99 14.10 28.53
C GLY B 72 -17.06 14.71 27.50
N GLN B 73 -16.50 13.93 26.58
CA GLN B 73 -15.56 14.45 25.59
C GLN B 73 -16.16 14.26 24.20
N HIS B 74 -16.99 15.23 23.79
CA HIS B 74 -17.73 15.10 22.55
C HIS B 74 -16.80 14.89 21.37
N GLN B 75 -17.17 13.95 20.50
CA GLN B 75 -16.47 13.62 19.26
C GLN B 75 -15.09 13.03 19.48
N LEU B 76 -14.83 12.51 20.68
CA LEU B 76 -13.72 11.62 20.96
C LEU B 76 -14.31 10.22 21.11
N TYR B 77 -13.84 9.29 20.28
CA TYR B 77 -14.49 8.01 20.10
C TYR B 77 -13.56 6.89 20.53
N GLN B 78 -14.10 5.96 21.32
CA GLN B 78 -13.35 4.82 21.80
C GLN B 78 -13.51 3.65 20.83
N LEU B 79 -12.39 3.18 20.28
CA LEU B 79 -12.40 1.94 19.51
C LEU B 79 -12.04 0.76 20.41
N GLN B 80 -12.67 -0.40 20.13
CA GLN B 80 -12.19 -1.71 20.57
C GLN B 80 -11.54 -2.37 19.35
N LEU B 81 -10.20 -2.38 19.31
CA LEU B 81 -9.51 -2.85 18.13
C LEU B 81 -9.72 -4.35 17.90
N THR B 82 -9.72 -4.74 16.63
CA THR B 82 -9.29 -6.07 16.19
C THR B 82 -7.95 -5.93 15.49
N ASN B 83 -7.33 -7.06 15.18
CA ASN B 83 -6.20 -7.06 14.27
C ASN B 83 -6.67 -6.68 12.86
N LEU B 84 -5.72 -6.22 12.05
CA LEU B 84 -6.09 -5.73 10.72
C LEU B 84 -6.67 -6.83 9.83
N ASP B 85 -6.37 -8.11 10.11
CA ASP B 85 -6.94 -9.21 9.34
C ASP B 85 -8.28 -9.69 9.88
N GLY B 86 -8.79 -9.06 10.94
CA GLY B 86 -10.06 -9.43 11.50
C GLY B 86 -9.99 -10.29 12.75
N SER B 87 -8.86 -10.94 13.02
CA SER B 87 -8.77 -11.76 14.22
C SER B 87 -8.74 -10.88 15.47
N PRO B 88 -9.20 -11.40 16.61
CA PRO B 88 -9.28 -10.55 17.81
C PRO B 88 -7.89 -10.16 18.28
N ILE B 89 -7.80 -9.01 18.94
CA ILE B 89 -6.55 -8.65 19.58
C ILE B 89 -6.25 -9.67 20.66
N ASP B 90 -5.05 -10.22 20.65
CA ASP B 90 -4.61 -11.12 21.71
C ASP B 90 -3.39 -10.52 22.41
N PRO B 91 -3.58 -9.86 23.56
CA PRO B 91 -2.44 -9.24 24.24
C PRO B 91 -1.44 -10.24 24.80
N THR B 92 -1.70 -11.55 24.72
CA THR B 92 -0.69 -12.53 25.07
C THR B 92 0.31 -12.77 23.95
N ASP B 93 0.08 -12.21 22.77
CA ASP B 93 1.02 -12.37 21.65
C ASP B 93 2.40 -11.85 22.03
N ASP B 94 3.44 -12.46 21.45
CA ASP B 94 4.80 -12.05 21.74
C ASP B 94 5.24 -10.87 20.88
N THR B 95 4.43 -9.81 20.83
CA THR B 95 4.71 -8.62 20.05
C THR B 95 4.54 -7.39 20.93
N PRO B 96 5.22 -6.28 20.62
CA PRO B 96 4.97 -5.04 21.38
C PRO B 96 3.51 -4.61 21.33
N GLY B 97 2.87 -4.79 20.18
CA GLY B 97 1.50 -4.39 19.94
C GLY B 97 0.97 -5.08 18.70
N PRO B 98 -0.22 -4.67 18.24
CA PRO B 98 -0.78 -5.33 17.06
C PRO B 98 0.05 -5.04 15.82
N LEU B 99 0.11 -6.03 14.93
CA LEU B 99 0.89 -5.86 13.69
C LEU B 99 0.39 -4.64 12.93
N GLY B 100 1.34 -3.88 12.36
CA GLY B 100 1.03 -2.66 11.67
C GLY B 100 0.82 -1.43 12.54
N CYS B 101 0.80 -1.60 13.87
CA CYS B 101 0.60 -0.45 14.76
C CYS B 101 1.70 0.58 14.56
N PRO B 102 1.37 1.88 14.57
CA PRO B 102 2.40 2.92 14.46
C PRO B 102 3.52 2.70 15.47
N ASP B 103 4.76 2.99 15.06
CA ASP B 103 5.91 2.85 15.94
C ASP B 103 6.53 4.21 16.30
N PHE B 104 5.71 5.26 16.31
CA PHE B 104 6.17 6.62 16.59
C PHE B 104 5.07 7.33 17.36
N THR B 105 5.44 8.41 18.04
CA THR B 105 4.48 9.24 18.75
C THR B 105 4.19 10.49 17.91
N GLY B 106 2.91 10.86 17.84
CA GLY B 106 2.52 12.07 17.14
C GLY B 106 1.02 12.08 16.91
N LEU B 107 0.56 13.13 16.24
CA LEU B 107 -0.85 13.25 15.88
C LEU B 107 -1.03 12.63 14.51
N LEU B 108 -1.42 11.36 14.48
CA LEU B 108 -1.63 10.66 13.24
C LEU B 108 -2.94 11.14 12.60
N TYR B 109 -2.86 11.66 11.39
CA TYR B 109 -4.01 12.20 10.67
C TYR B 109 -4.50 11.18 9.64
N GLY B 110 -5.83 11.06 9.53
CA GLY B 110 -6.38 10.14 8.57
C GLY B 110 -7.89 10.26 8.45
N VAL B 111 -8.54 9.18 8.04
CA VAL B 111 -9.99 9.17 7.89
C VAL B 111 -10.54 7.93 8.57
N ALA B 112 -11.53 8.12 9.44
CA ALA B 112 -12.27 7.05 10.07
C ALA B 112 -13.53 6.80 9.25
N SER B 113 -13.69 5.58 8.76
CA SER B 113 -14.86 5.20 7.99
C SER B 113 -15.60 4.06 8.68
N GLN B 114 -16.90 3.99 8.38
CA GLN B 114 -17.77 2.94 8.88
C GLN B 114 -18.62 2.40 7.74
N ARG B 115 -18.95 1.12 7.83
CA ARG B 115 -20.00 0.52 7.00
C ARG B 115 -20.96 -0.21 7.93
N GLY B 116 -22.23 0.19 7.90
CA GLY B 116 -23.23 -0.38 8.77
C GLY B 116 -24.05 0.67 9.47
N PRO B 117 -25.29 0.34 9.85
CA PRO B 117 -26.01 -0.92 9.61
C PRO B 117 -26.27 -1.17 8.12
N GLY B 118 -26.27 -2.44 7.71
CA GLY B 118 -26.42 -2.75 6.30
C GLY B 118 -25.26 -2.20 5.51
N ASP B 119 -25.57 -1.58 4.36
CA ASP B 119 -24.57 -0.98 3.50
C ASP B 119 -24.49 0.54 3.64
N ALA B 120 -25.06 1.11 4.70
CA ALA B 120 -24.89 2.53 4.96
C ALA B 120 -23.45 2.81 5.32
N THR B 121 -22.87 3.84 4.72
CA THR B 121 -21.47 4.17 4.97
C THR B 121 -21.33 5.63 5.35
N ARG B 122 -20.20 5.95 5.98
CA ARG B 122 -19.87 7.32 6.35
C ARG B 122 -18.38 7.37 6.63
N ALA B 123 -17.78 8.52 6.36
CA ALA B 123 -16.35 8.66 6.60
C ALA B 123 -16.00 10.13 6.83
N HIS B 124 -15.08 10.37 7.75
CA HIS B 124 -14.71 11.73 8.13
C HIS B 124 -13.27 11.74 8.63
N GLU B 125 -12.63 12.90 8.49
CA GLU B 125 -11.26 13.02 8.93
C GLU B 125 -11.17 12.82 10.44
N ALA B 126 -10.06 12.23 10.87
CA ALA B 126 -9.89 11.82 12.26
C ALA B 126 -8.42 11.94 12.64
N ARG B 127 -8.17 12.03 13.94
CA ARG B 127 -6.82 12.15 14.47
CA ARG B 127 -6.82 12.15 14.47
C ARG B 127 -6.64 11.20 15.64
N ILE B 128 -5.53 10.46 15.65
CA ILE B 128 -5.20 9.54 16.72
C ILE B 128 -3.88 10.00 17.31
N ASP B 129 -3.86 10.21 18.62
CA ASP B 129 -2.68 10.71 19.32
C ASP B 129 -1.92 9.52 19.86
N THR B 130 -0.92 9.05 19.10
CA THR B 130 -0.20 7.88 19.56
C THR B 130 0.70 8.18 20.75
N GLY B 131 0.75 9.43 21.21
CA GLY B 131 1.46 9.79 22.41
C GLY B 131 0.59 9.94 23.64
N SER B 132 -0.73 9.82 23.52
CA SER B 132 -1.61 10.11 24.63
C SER B 132 -1.60 8.99 25.66
N ASP B 133 -1.93 9.36 26.90
CA ASP B 133 -1.89 8.42 28.02
C ASP B 133 -2.70 7.17 27.76
N THR B 134 -3.85 7.31 27.11
CA THR B 134 -4.76 6.17 26.93
C THR B 134 -4.57 5.44 25.62
N PHE B 135 -3.63 5.88 24.77
CA PHE B 135 -3.32 5.11 23.56
C PHE B 135 -2.69 3.79 23.99
N ALA B 136 -3.43 2.68 23.83
CA ALA B 136 -3.00 1.38 24.36
C ALA B 136 -3.38 0.28 23.38
N PRO B 137 -2.81 0.31 22.17
CA PRO B 137 -3.19 -0.66 21.15
C PRO B 137 -2.87 -2.11 21.52
N LYS B 138 -1.89 -2.35 22.41
CA LYS B 138 -1.56 -3.72 22.79
C LYS B 138 -2.77 -4.44 23.37
N ILE B 139 -3.63 -3.72 24.08
CA ILE B 139 -4.83 -4.29 24.64
C ILE B 139 -6.08 -3.81 23.90
N GLY B 140 -5.90 -3.25 22.70
CA GLY B 140 -7.02 -2.92 21.85
C GLY B 140 -7.72 -1.61 22.15
N GLN B 141 -7.15 -0.75 22.99
CA GLN B 141 -7.79 0.50 23.40
C GLN B 141 -7.14 1.67 22.66
N VAL B 142 -7.83 2.19 21.65
CA VAL B 142 -7.39 3.36 20.89
C VAL B 142 -8.57 4.31 20.73
N ARG B 143 -8.31 5.61 20.86
CA ARG B 143 -9.31 6.65 20.66
C ARG B 143 -8.95 7.50 19.45
N PHE B 144 -9.97 7.98 18.74
CA PHE B 144 -9.77 8.97 17.70
C PHE B 144 -10.73 10.14 17.90
N TYR B 145 -10.26 11.32 17.55
CA TYR B 145 -11.06 12.53 17.55
C TYR B 145 -11.43 12.88 16.13
N SER B 146 -12.62 13.46 15.97
CA SER B 146 -13.08 13.90 14.66
C SER B 146 -13.86 15.20 14.82
N THR B 147 -13.71 16.10 13.84
CA THR B 147 -14.55 17.29 13.76
C THR B 147 -16.00 16.95 13.40
N SER B 148 -16.28 15.70 13.01
CA SER B 148 -17.63 15.27 12.70
C SER B 148 -18.22 14.47 13.85
N SER B 149 -19.52 14.63 14.08
CA SER B 149 -20.25 13.78 15.02
C SER B 149 -21.03 12.68 14.31
N ASP B 150 -20.84 12.53 13.00
CA ASP B 150 -21.59 11.56 12.21
C ASP B 150 -20.86 10.22 12.22
N PHE B 151 -20.88 9.60 13.39
CA PHE B 151 -20.41 8.23 13.59
C PHE B 151 -21.45 7.48 14.41
N GLU B 152 -21.65 6.20 14.11
CA GLU B 152 -22.59 5.37 14.83
C GLU B 152 -21.84 4.41 15.75
N THR B 153 -22.36 4.23 16.96
CA THR B 153 -21.79 3.26 17.88
C THR B 153 -22.11 1.84 17.43
N ASN B 154 -21.20 0.92 17.77
CA ASN B 154 -21.34 -0.52 17.50
C ASN B 154 -21.44 -0.84 16.01
N GLN B 155 -20.67 -0.12 15.21
CA GLN B 155 -20.53 -0.42 13.80
C GLN B 155 -19.04 -0.57 13.49
N PRO B 156 -18.71 -1.42 12.52
CA PRO B 156 -17.29 -1.62 12.20
C PRO B 156 -16.67 -0.35 11.64
N THR B 157 -15.47 -0.05 12.12
CA THR B 157 -14.84 1.22 11.87
C THR B 157 -13.40 0.97 11.45
N HIS B 158 -12.94 1.68 10.44
CA HIS B 158 -11.56 1.54 9.95
C HIS B 158 -10.91 2.91 9.92
N PHE B 159 -9.65 2.97 10.32
CA PHE B 159 -8.88 4.21 10.28
C PHE B 159 -7.81 4.08 9.20
N THR B 160 -7.93 4.91 8.17
CA THR B 160 -6.97 4.92 7.07
C THR B 160 -5.98 6.04 7.31
N PRO B 161 -4.69 5.76 7.45
CA PRO B 161 -3.73 6.84 7.74
C PRO B 161 -3.44 7.66 6.49
N ILE B 162 -3.27 8.97 6.69
CA ILE B 162 -2.93 9.89 5.62
C ILE B 162 -1.60 10.58 5.88
N GLY B 163 -1.44 11.14 7.07
CA GLY B 163 -0.21 11.83 7.41
C GLY B 163 -0.17 12.25 8.86
N ILE B 164 0.47 13.38 9.16
CA ILE B 164 0.61 13.85 10.53
C ILE B 164 0.09 15.28 10.66
N TYR B 165 -0.44 15.56 11.83
CA TYR B 165 -0.98 16.86 12.20
C TYR B 165 0.01 17.49 13.17
N ILE B 166 0.48 18.69 12.87
CA ILE B 166 1.40 19.44 13.74
C ILE B 166 0.60 20.54 14.40
N GLU B 167 0.42 20.44 15.72
CA GLU B 167 -0.17 21.52 16.50
C GLU B 167 0.86 22.53 17.01
N GLY B 168 2.12 22.13 17.12
CA GLY B 168 3.16 23.01 17.63
C GLY B 168 3.41 22.90 19.12
N ASN B 169 3.25 21.72 19.69
CA ASN B 169 3.32 21.52 21.14
C ASN B 169 3.90 20.12 21.42
N SER B 170 3.69 19.65 22.65
CA SER B 170 4.35 18.43 23.12
C SER B 170 3.95 17.21 22.29
N SER B 171 2.78 17.24 21.67
CA SER B 171 2.32 16.10 20.87
C SER B 171 3.03 15.99 19.52
N ASP B 172 4.02 16.82 19.22
CA ASP B 172 4.57 16.87 17.87
C ASP B 172 5.24 15.55 17.48
N PHE B 173 5.20 15.28 16.18
CA PHE B 173 5.72 14.07 15.57
C PHE B 173 7.19 13.81 15.93
N ASN B 174 7.46 12.66 16.55
CA ASN B 174 8.83 12.20 16.80
C ASN B 174 8.95 10.78 16.25
N GLN B 175 9.50 10.63 15.05
CA GLN B 175 9.52 9.33 14.40
C GLN B 175 10.37 8.30 15.13
N TRP B 176 11.21 8.72 16.07
CA TRP B 176 12.07 7.80 16.80
C TRP B 176 11.65 7.59 18.24
N GLN B 177 10.54 8.17 18.69
CA GLN B 177 10.00 7.90 20.00
C GLN B 177 8.93 6.82 19.89
N LEU B 178 9.20 5.65 20.45
CA LEU B 178 8.21 4.59 20.44
C LEU B 178 7.01 4.98 21.29
N PRO B 179 5.80 4.60 20.90
CA PRO B 179 4.66 4.76 21.79
C PRO B 179 4.75 3.81 22.97
N ARG B 180 3.96 4.10 24.01
CA ARG B 180 3.66 3.11 25.04
C ARG B 180 2.54 2.23 24.52
N TYR B 181 2.88 1.06 24.00
CA TYR B 181 1.88 0.22 23.36
C TYR B 181 0.77 -0.20 24.32
N GLY B 182 1.05 -0.25 25.61
CA GLY B 182 0.05 -0.58 26.60
C GLY B 182 -0.52 0.60 27.35
N GLY B 183 -0.30 1.82 26.88
CA GLY B 183 -0.76 3.00 27.58
C GLY B 183 0.15 3.37 28.74
N HIS B 184 -0.26 4.41 29.45
CA HIS B 184 0.63 5.07 30.41
C HIS B 184 0.88 4.23 31.66
N LEU B 185 0.16 3.14 31.87
CA LEU B 185 0.34 2.34 33.08
C LEU B 185 1.04 1.01 32.82
N ALA B 186 1.61 0.83 31.63
CA ALA B 186 2.30 -0.41 31.29
C ALA B 186 3.57 -0.09 30.51
N ASN B 187 4.57 -0.96 30.61
CA ASN B 187 5.84 -0.80 29.90
C ASN B 187 5.91 -1.70 28.69
N ASN B 188 6.60 -1.22 27.66
CA ASN B 188 6.75 -1.98 26.41
C ASN B 188 7.54 -3.27 26.64
N ASN B 189 7.14 -4.34 25.95
CA ASN B 189 7.95 -5.55 25.94
C ASN B 189 7.96 -6.15 24.55
N HIS B 190 8.83 -7.16 24.37
CA HIS B 190 9.00 -7.87 23.10
C HIS B 190 9.43 -6.95 21.96
N LEU B 191 10.11 -5.85 22.27
CA LEU B 191 10.53 -4.92 21.21
C LEU B 191 11.62 -5.53 20.33
N ALA B 192 11.55 -5.24 19.03
CA ALA B 192 12.71 -5.45 18.18
C ALA B 192 13.85 -4.58 18.71
N PRO B 193 15.10 -5.04 18.69
CA PRO B 193 16.17 -4.29 19.36
C PRO B 193 16.57 -3.06 18.58
N ALA B 194 17.17 -2.10 19.29
CA ALA B 194 17.74 -0.94 18.63
C ALA B 194 18.89 -1.38 17.73
N VAL B 195 19.18 -0.59 16.71
CA VAL B 195 20.25 -0.88 15.78
C VAL B 195 21.16 0.33 15.72
N SER B 196 22.45 0.09 15.47
CA SER B 196 23.39 1.18 15.36
C SER B 196 24.58 0.71 14.53
N PRO B 197 25.30 1.62 13.88
CA PRO B 197 26.53 1.21 13.19
C PRO B 197 27.63 0.99 14.22
N LEU B 198 28.25 -0.18 14.17
CA LEU B 198 29.31 -0.49 15.13
C LEU B 198 30.71 -0.28 14.58
N PHE B 199 30.88 -0.22 13.25
CA PHE B 199 32.19 -0.19 12.63
C PHE B 199 32.61 1.25 12.33
N PRO B 200 33.86 1.63 12.60
CA PRO B 200 34.28 3.03 12.42
C PRO B 200 34.00 3.53 11.01
N GLY B 201 33.48 4.76 10.93
CA GLY B 201 33.19 5.42 9.68
C GLY B 201 31.91 4.98 8.99
N GLU B 202 31.11 4.15 9.62
CA GLU B 202 29.89 3.65 9.01
C GLU B 202 28.68 4.31 9.66
N GLN B 203 27.63 4.48 8.85
CA GLN B 203 26.35 4.99 9.33
C GLN B 203 25.25 4.11 8.75
N ILE B 204 24.11 4.09 9.43
CA ILE B 204 22.96 3.40 8.88
C ILE B 204 22.48 4.12 7.62
N LEU B 205 22.11 3.33 6.61
CA LEU B 205 21.47 3.83 5.40
C LEU B 205 19.97 3.65 5.56
N PHE B 206 19.22 4.74 5.50
CA PHE B 206 17.77 4.71 5.63
C PHE B 206 17.08 4.89 4.28
N PHE B 207 15.84 4.44 4.23
CA PHE B 207 14.96 4.69 3.10
C PHE B 207 13.89 5.68 3.58
N ARG B 208 13.97 6.89 3.08
CA ARG B 208 13.22 8.01 3.61
C ARG B 208 12.04 8.34 2.73
N SER B 209 10.91 8.62 3.37
CA SER B 209 9.72 9.17 2.72
C SER B 209 9.34 10.47 3.40
N PHE B 210 8.79 11.40 2.63
CA PHE B 210 8.21 12.62 3.16
C PHE B 210 6.70 12.42 3.17
N ILE B 211 6.15 12.11 4.34
CA ILE B 211 4.73 11.76 4.41
C ILE B 211 3.92 13.05 4.46
N PRO B 212 2.63 13.01 4.10
CA PRO B 212 1.83 14.24 4.08
C PRO B 212 1.66 14.86 5.47
N GLY B 213 1.55 16.18 5.50
CA GLY B 213 1.21 16.94 6.70
C GLY B 213 -0.17 17.54 6.54
N ALA B 214 -0.93 17.56 7.63
CA ALA B 214 -2.32 18.01 7.57
C ALA B 214 -2.52 19.41 8.12
N SER B 215 -1.55 19.95 8.86
CA SER B 215 -1.52 21.35 9.27
C SER B 215 -0.16 21.60 9.90
N GLY B 216 0.17 22.87 10.10
CA GLY B 216 1.41 23.20 10.72
C GLY B 216 2.60 22.95 9.82
N HIS B 217 3.79 22.94 10.42
CA HIS B 217 5.04 22.86 9.69
C HIS B 217 5.73 21.54 9.97
N THR B 218 5.99 20.77 8.92
CA THR B 218 6.76 19.54 9.05
C THR B 218 7.23 19.07 7.67
N ASN B 219 8.43 18.51 7.62
CA ASN B 219 8.84 17.81 6.42
C ASN B 219 8.37 16.37 6.36
N GLY B 220 7.70 15.88 7.39
CA GLY B 220 7.12 14.54 7.36
C GLY B 220 8.13 13.44 7.12
N GLU B 221 9.36 13.60 7.61
CA GLU B 221 10.40 12.58 7.38
C GLU B 221 10.09 11.31 8.15
N MET B 222 10.07 10.19 7.44
CA MET B 222 9.83 8.87 8.01
C MET B 222 10.87 7.94 7.39
N ASP B 223 11.79 7.46 8.21
CA ASP B 223 12.94 6.69 7.75
C ASP B 223 12.76 5.23 8.14
N CYS B 224 12.77 4.33 7.16
CA CYS B 224 12.72 2.92 7.49
C CYS B 224 14.05 2.24 7.21
N LEU B 225 14.23 1.06 7.80
CA LEU B 225 15.49 0.32 7.68
C LEU B 225 15.54 -0.52 6.40
N LEU B 226 14.40 -1.01 5.94
CA LEU B 226 14.26 -1.84 4.75
C LEU B 226 12.99 -1.40 4.03
N PRO B 227 13.01 -1.31 2.71
CA PRO B 227 11.74 -1.13 2.00
C PRO B 227 10.86 -2.35 2.23
N GLN B 228 9.54 -2.13 2.17
CA GLN B 228 8.63 -3.24 2.44
C GLN B 228 8.85 -4.39 1.48
N GLU B 229 9.34 -4.12 0.27
CA GLU B 229 9.58 -5.20 -0.70
C GLU B 229 10.71 -6.11 -0.24
N PHE B 230 11.71 -5.59 0.48
CA PHE B 230 12.74 -6.46 1.02
C PHE B 230 12.20 -7.34 2.14
N VAL B 231 11.40 -6.76 3.03
CA VAL B 231 10.71 -7.56 4.06
C VAL B 231 9.93 -8.69 3.41
N GLN B 232 9.07 -8.35 2.46
CA GLN B 232 8.27 -9.37 1.80
C GLN B 232 9.15 -10.44 1.16
N HIS B 233 10.27 -10.02 0.57
CA HIS B 233 11.09 -10.97 -0.17
C HIS B 233 11.81 -11.93 0.77
N PHE B 234 12.39 -11.42 1.86
CA PHE B 234 13.04 -12.31 2.81
C PHE B 234 12.02 -13.23 3.47
N TYR B 235 10.83 -12.73 3.73
CA TYR B 235 9.78 -13.57 4.28
C TYR B 235 9.48 -14.73 3.34
N GLN B 236 9.36 -14.43 2.04
CA GLN B 236 9.10 -15.46 1.04
C GLN B 236 10.26 -16.45 0.95
N GLU B 237 11.50 -15.95 0.91
CA GLU B 237 12.63 -16.79 0.54
C GLU B 237 13.17 -17.57 1.72
N ALA B 238 13.25 -16.94 2.89
CA ALA B 238 13.87 -17.52 4.08
C ALA B 238 15.18 -18.21 3.73
N ALA B 239 16.03 -17.50 2.97
CA ALA B 239 17.30 -18.08 2.55
C ALA B 239 18.28 -18.10 3.71
N THR B 240 19.13 -19.13 3.74
CA THR B 240 20.13 -19.26 4.79
C THR B 240 21.14 -18.12 4.69
N ALA B 241 21.38 -17.45 5.81
CA ALA B 241 22.40 -16.41 5.87
C ALA B 241 23.74 -17.09 6.09
N ARG B 242 24.62 -17.01 5.09
CA ARG B 242 25.89 -17.72 5.16
C ARG B 242 26.93 -16.99 6.00
N SER B 243 26.73 -15.68 6.23
CA SER B 243 27.57 -14.90 7.12
C SER B 243 26.67 -13.89 7.80
N GLU B 244 27.27 -13.07 8.68
CA GLU B 244 26.51 -12.04 9.38
C GLU B 244 26.22 -10.83 8.51
N VAL B 245 26.83 -10.71 7.33
CA VAL B 245 26.74 -9.50 6.52
C VAL B 245 26.66 -9.90 5.05
N ALA B 246 25.64 -9.41 4.35
CA ALA B 246 25.53 -9.56 2.91
C ALA B 246 26.03 -8.29 2.26
N LEU B 247 27.10 -8.40 1.48
CA LEU B 247 27.62 -7.26 0.74
C LEU B 247 26.74 -6.97 -0.47
N LEU B 248 26.22 -5.75 -0.53
CA LEU B 248 25.37 -5.30 -1.61
C LEU B 248 26.15 -4.30 -2.47
N ARG B 249 25.86 -4.29 -3.76
CA ARG B 249 26.39 -3.30 -4.67
C ARG B 249 25.21 -2.54 -5.25
N PHE B 250 25.29 -1.22 -5.23
CA PHE B 250 24.29 -0.38 -5.91
C PHE B 250 24.78 -0.16 -7.34
N VAL B 251 24.12 -0.81 -8.29
CA VAL B 251 24.57 -0.96 -9.66
C VAL B 251 23.96 0.11 -10.54
N ASN B 252 24.78 0.78 -11.33
CA ASN B 252 24.27 1.60 -12.43
C ASN B 252 24.09 0.69 -13.64
N PRO B 253 22.86 0.37 -14.06
CA PRO B 253 22.69 -0.53 -15.20
C PRO B 253 23.17 0.05 -16.52
N ASP B 254 23.40 1.36 -16.60
CA ASP B 254 23.92 1.95 -17.83
C ASP B 254 25.38 1.56 -18.08
N THR B 255 26.14 1.36 -17.01
CA THR B 255 27.55 1.02 -17.12
C THR B 255 27.88 -0.37 -16.58
N GLY B 256 26.99 -1.00 -15.82
CA GLY B 256 27.29 -2.25 -15.16
C GLY B 256 28.14 -2.14 -13.92
N ARG B 257 28.71 -0.97 -13.64
CA ARG B 257 29.65 -0.82 -12.53
C ARG B 257 28.96 -0.32 -11.27
N ALA B 258 29.69 -0.43 -10.18
CA ALA B 258 29.17 -0.07 -8.86
C ALA B 258 29.09 1.44 -8.71
N LEU B 259 27.95 1.93 -8.21
CA LEU B 259 27.87 3.31 -7.74
C LEU B 259 28.36 3.43 -6.30
N PHE B 260 27.97 2.49 -5.44
CA PHE B 260 28.54 2.35 -4.11
C PHE B 260 28.21 0.95 -3.63
N GLU B 261 28.80 0.57 -2.49
CA GLU B 261 28.53 -0.70 -1.84
C GLU B 261 27.99 -0.46 -0.43
N SER B 262 27.17 -1.40 0.03
CA SER B 262 26.50 -1.30 1.32
C SER B 262 26.58 -2.64 2.03
N LYS B 263 26.57 -2.62 3.35
CA LYS B 263 26.57 -3.85 4.15
C LYS B 263 25.15 -4.08 4.66
N LEU B 264 24.53 -5.17 4.22
CA LEU B 264 23.20 -5.56 4.70
C LEU B 264 23.39 -6.54 5.85
N HIS B 265 23.11 -6.09 7.07
CA HIS B 265 23.34 -6.92 8.23
C HIS B 265 22.20 -7.93 8.40
N LYS B 266 22.57 -9.13 8.85
CA LYS B 266 21.62 -10.23 8.93
C LYS B 266 20.38 -9.86 9.74
N GLN B 267 20.51 -9.04 10.77
CA GLN B 267 19.33 -8.70 11.55
C GLN B 267 18.43 -7.67 10.86
N GLY B 268 18.80 -7.19 9.69
CA GLY B 268 17.88 -6.47 8.83
C GLY B 268 18.05 -4.97 8.76
N PHE B 269 19.27 -4.49 8.59
CA PHE B 269 19.51 -3.08 8.32
C PHE B 269 20.81 -2.95 7.54
N MET B 270 21.00 -1.79 6.94
CA MET B 270 22.10 -1.54 6.03
C MET B 270 22.99 -0.43 6.56
N THR B 271 24.30 -0.59 6.43
CA THR B 271 25.24 0.49 6.72
C THR B 271 26.04 0.82 5.48
N ILE B 272 26.55 2.04 5.45
CA ILE B 272 27.43 2.52 4.38
C ILE B 272 28.57 3.28 5.04
N ALA B 273 29.64 3.49 4.29
CA ALA B 273 30.72 4.36 4.76
C ALA B 273 30.35 5.80 4.41
N SER B 274 29.94 6.58 5.41
CA SER B 274 29.54 7.95 5.18
C SER B 274 29.52 8.70 6.50
N SER B 275 29.45 10.01 6.42
CA SER B 275 29.48 10.84 7.61
C SER B 275 28.53 12.02 7.44
N GLY B 276 27.67 12.23 8.42
CA GLY B 276 26.75 13.35 8.41
C GLY B 276 25.35 12.96 8.02
N ASP B 277 24.50 13.98 7.93
CA ASP B 277 23.08 13.83 7.65
C ASP B 277 22.79 14.41 6.28
N HIS B 278 22.47 13.55 5.32
CA HIS B 278 22.29 14.00 3.95
C HIS B 278 21.68 12.86 3.14
N PRO B 279 20.97 13.17 2.08
CA PRO B 279 20.46 12.13 1.20
C PRO B 279 21.60 11.46 0.44
N ILE B 280 21.31 10.28 -0.07
CA ILE B 280 22.15 9.55 -0.99
C ILE B 280 21.38 9.54 -2.31
N ILE B 281 21.69 10.47 -3.21
CA ILE B 281 20.99 10.58 -4.49
C ILE B 281 21.84 9.94 -5.57
N MET B 282 21.22 9.09 -6.37
CA MET B 282 21.88 8.28 -7.38
C MET B 282 21.12 8.38 -8.69
N PRO B 283 21.74 7.99 -9.80
CA PRO B 283 20.98 7.80 -11.04
C PRO B 283 19.73 6.98 -10.77
N THR B 284 18.62 7.38 -11.39
CA THR B 284 17.33 6.86 -10.95
C THR B 284 17.13 5.40 -11.27
N ASN B 285 17.92 4.83 -12.18
CA ASN B 285 17.78 3.42 -12.53
C ASN B 285 18.65 2.51 -11.69
N GLY B 286 19.43 3.06 -10.76
CA GLY B 286 20.25 2.22 -9.92
C GLY B 286 19.43 1.27 -9.07
N TYR B 287 20.03 0.12 -8.75
CA TYR B 287 19.38 -0.87 -7.91
C TYR B 287 20.45 -1.62 -7.14
N PHE B 288 20.05 -2.14 -5.98
CA PHE B 288 20.95 -3.00 -5.20
C PHE B 288 20.97 -4.40 -5.79
N ARG B 289 22.14 -5.01 -5.73
CA ARG B 289 22.37 -6.38 -6.15
C ARG B 289 23.23 -7.07 -5.10
N PHE B 290 22.86 -8.29 -4.72
CA PHE B 290 23.69 -9.06 -3.81
C PHE B 290 25.03 -9.41 -4.45
N GLU B 291 26.12 -9.15 -3.72
CA GLU B 291 27.46 -9.39 -4.21
C GLU B 291 28.12 -10.61 -3.57
N ALA B 292 28.16 -10.68 -2.25
CA ALA B 292 28.92 -11.73 -1.56
C ALA B 292 28.59 -11.71 -0.08
N TRP B 293 28.89 -12.83 0.59
CA TRP B 293 28.90 -12.89 2.05
C TRP B 293 30.24 -12.38 2.58
N VAL B 294 30.18 -11.44 3.53
CA VAL B 294 31.39 -10.93 4.15
C VAL B 294 31.19 -10.90 5.66
N ASN B 295 32.10 -10.27 6.39
CA ASN B 295 31.93 -10.16 7.83
C ASN B 295 31.78 -8.69 8.23
N GLN B 296 31.67 -8.46 9.53
CA GLN B 296 31.43 -7.12 10.03
C GLN B 296 32.63 -6.20 9.87
N PHE B 297 33.80 -6.75 9.57
CA PHE B 297 35.01 -5.94 9.43
C PHE B 297 35.22 -5.43 8.01
N TYR B 298 34.34 -5.80 7.06
CA TYR B 298 34.58 -5.47 5.66
C TYR B 298 34.60 -3.96 5.47
N SER B 299 35.62 -3.47 4.76
CA SER B 299 35.81 -2.03 4.59
C SER B 299 35.08 -1.56 3.33
N LEU B 300 34.18 -0.61 3.50
CA LEU B 300 33.42 -0.06 2.38
C LEU B 300 34.07 1.21 1.86
N ALA B 301 34.03 1.39 0.54
CA ALA B 301 34.38 2.67 -0.04
C ALA B 301 33.31 3.70 0.34
N PRO B 302 33.72 4.91 0.71
CA PRO B 302 32.73 5.91 1.11
C PRO B 302 31.86 6.38 -0.05
N VAL B 303 30.62 6.71 0.29
CA VAL B 303 29.69 7.33 -0.64
C VAL B 303 29.13 8.60 0.03
#